data_5KVY
#
_entry.id   5KVY
#
_cell.length_a   62.438
_cell.length_b   62.438
_cell.length_c   83.332
_cell.angle_alpha   90.00
_cell.angle_beta   90.00
_cell.angle_gamma   120.00
#
_symmetry.space_group_name_H-M   'P 31'
#
loop_
_entity.id
_entity.type
_entity.pdbx_description
1 polymer 'Poly(U)-binding-splicing factor PUF60'
2 polymer 'DNA (30-MER)'
3 non-polymer 'CHLORIDE ION'
4 water water
#
loop_
_entity_poly.entity_id
_entity_poly.type
_entity_poly.pdbx_seq_one_letter_code
_entity_poly.pdbx_strand_id
1 'polypeptide(L)'
;GSHMASMTGGQQMGRGSAAQRQGALAIMSRVYVGSIYYELGEDTIRQAFAPFGPIKSIDMSWDSVTMKHKGFAFVEYEVP
EAAQLALEQMNSVMLGGRNIKVGRPSNIGQAQPIIDQLAEEARAFNRIYVASVHQDLSDDDIKSVFEAFGKIKSATLARD
PTTGKHKGYGFIEYEKAQSSQDAVSSMNLFDLGGQYLRVGKAVTPPMPLLTPATPG
;
A,B
2 'polydeoxyribonucleotide'
;(DG)(DA)(DU)(DG)(DU)(DC)(DA)(DU)(DA)(DC)(DU)(DU)(DA)(DU)(DC)(DC)(DU)(DG)(DU)(DC)
(DC)(DC)(DU)(DU)(DU)(DU)(DU)(DU)(DU)(DU)
;
C
#
loop_
_chem_comp.id
_chem_comp.type
_chem_comp.name
_chem_comp.formula
CL non-polymer 'CHLORIDE ION' 'Cl -1'
DA DNA linking 2'-DEOXYADENOSINE-5'-MONOPHOSPHATE 'C10 H14 N5 O6 P'
DC DNA linking 2'-DEOXYCYTIDINE-5'-MONOPHOSPHATE 'C9 H14 N3 O7 P'
DG DNA linking 2'-DEOXYGUANOSINE-5'-MONOPHOSPHATE 'C10 H14 N5 O7 P'
DU DNA linking 2'-DEOXYURIDINE-5'-MONOPHOSPHATE 'C9 H13 N2 O8 P'
#
# COMPACT_ATOMS: atom_id res chain seq x y z
N ARG A 15 -28.38 2.80 -0.64
CA ARG A 15 -28.07 1.94 -1.82
C ARG A 15 -27.92 0.48 -1.38
N GLY A 16 -28.70 -0.40 -1.99
CA GLY A 16 -28.67 -1.81 -1.65
C GLY A 16 -29.48 -2.12 -0.40
N SER A 17 -30.08 -3.29 -0.35
CA SER A 17 -30.87 -3.69 0.82
C SER A 17 -29.88 -4.22 1.85
N ALA A 18 -30.41 -4.72 2.98
CA ALA A 18 -29.55 -5.27 4.02
C ALA A 18 -28.85 -6.53 3.51
N ALA A 19 -29.57 -7.32 2.72
CA ALA A 19 -29.02 -8.55 2.16
C ALA A 19 -27.90 -8.27 1.16
N GLN A 20 -28.06 -7.23 0.36
CA GLN A 20 -27.03 -6.87 -0.62
C GLN A 20 -25.78 -6.36 0.07
N ARG A 21 -25.99 -5.51 1.07
CA ARG A 21 -24.87 -4.97 1.81
C ARG A 21 -24.10 -6.07 2.52
N GLN A 22 -24.79 -7.04 3.10
CA GLN A 22 -24.08 -8.14 3.77
C GLN A 22 -23.28 -8.99 2.78
N GLY A 23 -23.81 -9.18 1.57
CA GLY A 23 -23.07 -9.96 0.59
C GLY A 23 -21.79 -9.23 0.21
N ALA A 24 -21.86 -7.90 0.13
CA ALA A 24 -20.71 -7.09 -0.21
C ALA A 24 -19.70 -7.11 0.93
N LEU A 25 -20.17 -6.99 2.17
CA LEU A 25 -19.31 -7.02 3.32
C LEU A 25 -18.51 -8.32 3.34
N ALA A 26 -19.16 -9.42 2.98
CA ALA A 26 -18.48 -10.73 2.97
C ALA A 26 -17.36 -10.77 1.94
N ILE A 27 -17.60 -10.22 0.76
CA ILE A 27 -16.58 -10.21 -0.30
C ILE A 27 -15.44 -9.30 0.10
N MET A 28 -15.80 -8.19 0.72
CA MET A 28 -14.83 -7.19 1.16
C MET A 28 -13.94 -7.72 2.29
N SER A 29 -14.34 -8.81 2.91
CA SER A 29 -13.55 -9.35 4.01
C SER A 29 -12.56 -10.43 3.58
N ARG A 30 -12.50 -10.71 2.28
CA ARG A 30 -11.59 -11.73 1.78
C ARG A 30 -10.52 -11.18 0.83
N VAL A 31 -9.33 -11.76 0.87
CA VAL A 31 -8.27 -11.35 -0.03
C VAL A 31 -7.73 -12.58 -0.74
N TYR A 32 -7.38 -12.40 -2.00
CA TYR A 32 -6.79 -13.47 -2.78
C TYR A 32 -5.30 -13.44 -2.46
N VAL A 33 -4.71 -14.61 -2.28
CA VAL A 33 -3.28 -14.72 -2.00
C VAL A 33 -2.73 -15.69 -3.04
N GLY A 34 -1.82 -15.21 -3.87
CA GLY A 34 -1.27 -16.07 -4.90
C GLY A 34 0.23 -16.21 -4.86
N SER A 35 0.75 -17.12 -5.69
CA SER A 35 2.18 -17.38 -5.76
C SER A 35 2.69 -17.92 -4.43
N ILE A 36 1.93 -18.83 -3.84
CA ILE A 36 2.29 -19.47 -2.58
C ILE A 36 3.22 -20.63 -2.89
N TYR A 37 4.39 -20.64 -2.26
CA TYR A 37 5.35 -21.72 -2.48
C TYR A 37 4.69 -23.06 -2.18
N TYR A 38 4.91 -24.05 -3.05
CA TYR A 38 4.28 -25.36 -2.89
C TYR A 38 4.46 -25.99 -1.51
N GLU A 39 5.61 -25.77 -0.87
CA GLU A 39 5.89 -26.32 0.45
C GLU A 39 5.09 -25.67 1.60
N LEU A 40 4.60 -24.45 1.36
CA LEU A 40 3.87 -23.73 2.39
C LEU A 40 2.42 -24.17 2.51
N GLY A 41 1.92 -24.16 3.73
CA GLY A 41 0.54 -24.56 3.97
C GLY A 41 -0.29 -23.52 4.70
N GLU A 42 -1.51 -23.91 5.01
CA GLU A 42 -2.47 -23.04 5.71
C GLU A 42 -1.88 -22.33 6.93
N ASP A 43 -1.17 -23.09 7.76
CA ASP A 43 -0.53 -22.59 8.97
C ASP A 43 0.41 -21.40 8.73
N THR A 44 1.20 -21.47 7.66
CA THR A 44 2.12 -20.39 7.34
C THR A 44 1.37 -19.16 6.87
N ILE A 45 0.37 -19.36 6.02
CA ILE A 45 -0.43 -18.26 5.53
C ILE A 45 -1.12 -17.56 6.69
N ARG A 46 -1.72 -18.34 7.58
CA ARG A 46 -2.40 -17.77 8.72
C ARG A 46 -1.47 -16.91 9.56
N GLN A 47 -0.29 -17.44 9.88
CA GLN A 47 0.67 -16.70 10.69
C GLN A 47 1.08 -15.38 10.02
N ALA A 48 1.23 -15.41 8.70
CA ALA A 48 1.62 -14.23 7.93
C ALA A 48 0.53 -13.18 7.81
N PHE A 49 -0.73 -13.61 7.78
CA PHE A 49 -1.85 -12.69 7.62
C PHE A 49 -2.60 -12.32 8.89
N ALA A 50 -2.36 -13.03 9.98
CA ALA A 50 -3.03 -12.76 11.25
C ALA A 50 -2.77 -11.37 11.88
N PRO A 51 -1.63 -10.74 11.60
CA PRO A 51 -1.38 -9.43 12.20
C PRO A 51 -2.43 -8.35 11.88
N PHE A 52 -3.19 -8.56 10.81
CA PHE A 52 -4.20 -7.59 10.39
C PHE A 52 -5.58 -7.83 10.96
N GLY A 53 -5.72 -8.94 11.68
CA GLY A 53 -6.99 -9.28 12.28
C GLY A 53 -7.06 -10.78 12.36
N PRO A 54 -7.84 -11.35 13.30
CA PRO A 54 -7.89 -12.81 13.37
C PRO A 54 -8.54 -13.43 12.13
N ILE A 55 -7.90 -14.47 11.59
CA ILE A 55 -8.42 -15.14 10.41
C ILE A 55 -9.67 -15.94 10.76
N LYS A 56 -10.72 -15.75 9.98
CA LYS A 56 -12.00 -16.42 10.14
C LYS A 56 -11.91 -17.82 9.51
N SER A 57 -11.32 -17.88 8.33
CA SER A 57 -11.12 -19.14 7.62
C SER A 57 -10.21 -18.89 6.42
N ILE A 58 -9.71 -19.98 5.84
CA ILE A 58 -8.87 -19.91 4.67
C ILE A 58 -9.30 -20.99 3.68
N ASP A 59 -9.57 -20.58 2.44
CA ASP A 59 -9.95 -21.52 1.39
C ASP A 59 -8.70 -21.73 0.53
N MET A 60 -8.05 -22.87 0.73
CA MET A 60 -6.83 -23.19 0.01
C MET A 60 -7.09 -24.02 -1.26
N SER A 61 -6.46 -23.64 -2.36
CA SER A 61 -6.61 -24.37 -3.61
C SER A 61 -6.11 -25.81 -3.40
N TRP A 62 -6.59 -26.75 -4.20
CA TRP A 62 -6.19 -28.14 -4.03
C TRP A 62 -6.25 -28.99 -5.29
N ASP A 63 -5.13 -29.63 -5.60
CA ASP A 63 -5.00 -30.51 -6.76
C ASP A 63 -4.61 -31.86 -6.16
N SER A 64 -5.60 -32.71 -5.96
CA SER A 64 -5.35 -34.01 -5.35
C SER A 64 -4.48 -34.97 -6.16
N VAL A 65 -4.60 -34.96 -7.48
CA VAL A 65 -3.81 -35.86 -8.30
C VAL A 65 -2.34 -35.76 -7.95
N THR A 66 -1.86 -34.53 -7.81
CA THR A 66 -0.48 -34.29 -7.45
C THR A 66 -0.39 -34.13 -5.93
N MET A 67 -1.55 -34.11 -5.29
CA MET A 67 -1.67 -33.97 -3.83
C MET A 67 -0.99 -32.71 -3.31
N LYS A 68 -1.20 -31.58 -3.99
CA LYS A 68 -0.62 -30.30 -3.60
C LYS A 68 -1.61 -29.17 -3.88
N HIS A 69 -1.42 -28.02 -3.24
CA HIS A 69 -2.33 -26.90 -3.49
C HIS A 69 -1.91 -26.24 -4.81
N LYS A 70 -2.83 -25.47 -5.39
CA LYS A 70 -2.58 -24.82 -6.68
C LYS A 70 -1.82 -23.50 -6.63
N GLY A 71 -1.19 -23.19 -5.49
CA GLY A 71 -0.43 -21.96 -5.39
C GLY A 71 -1.20 -20.71 -5.00
N PHE A 72 -2.48 -20.85 -4.64
CA PHE A 72 -3.27 -19.69 -4.24
C PHE A 72 -4.27 -20.03 -3.16
N ALA A 73 -4.74 -19.00 -2.46
CA ALA A 73 -5.70 -19.19 -1.39
C ALA A 73 -6.51 -17.94 -1.16
N PHE A 74 -7.61 -18.07 -0.44
CA PHE A 74 -8.43 -16.92 -0.11
C PHE A 74 -8.53 -16.86 1.41
N VAL A 75 -8.00 -15.79 1.96
CA VAL A 75 -8.01 -15.57 3.40
C VAL A 75 -9.23 -14.72 3.72
N GLU A 76 -10.02 -15.19 4.68
CA GLU A 76 -11.22 -14.47 5.09
C GLU A 76 -11.05 -13.91 6.49
N TYR A 77 -11.31 -12.62 6.64
CA TYR A 77 -11.20 -11.93 7.91
C TYR A 77 -12.58 -11.69 8.50
N GLU A 78 -12.62 -11.24 9.74
CA GLU A 78 -13.89 -10.97 10.40
C GLU A 78 -14.49 -9.64 9.96
N VAL A 79 -13.65 -8.72 9.54
CA VAL A 79 -14.11 -7.39 9.12
C VAL A 79 -13.36 -6.95 7.86
N PRO A 80 -14.00 -6.12 7.00
CA PRO A 80 -13.40 -5.63 5.76
C PRO A 80 -12.09 -4.85 5.94
N GLU A 81 -11.97 -4.13 7.05
CA GLU A 81 -10.79 -3.33 7.33
C GLU A 81 -9.52 -4.17 7.43
N ALA A 82 -9.63 -5.39 7.95
CA ALA A 82 -8.47 -6.26 8.08
C ALA A 82 -7.99 -6.68 6.68
N ALA A 83 -8.92 -6.98 5.79
CA ALA A 83 -8.59 -7.38 4.43
C ALA A 83 -7.93 -6.19 3.69
N GLN A 84 -8.42 -5.00 3.96
CA GLN A 84 -7.87 -3.79 3.35
C GLN A 84 -6.40 -3.61 3.76
N LEU A 85 -6.11 -3.73 5.06
CA LEU A 85 -4.73 -3.58 5.52
C LEU A 85 -3.83 -4.68 4.98
N ALA A 86 -4.33 -5.92 4.99
CA ALA A 86 -3.56 -7.05 4.47
C ALA A 86 -3.21 -6.79 3.01
N LEU A 87 -4.16 -6.25 2.26
CA LEU A 87 -3.93 -5.96 0.86
C LEU A 87 -2.84 -4.89 0.66
N GLU A 88 -2.86 -3.86 1.50
CA GLU A 88 -1.88 -2.79 1.40
C GLU A 88 -0.51 -3.13 1.98
N GLN A 89 -0.45 -4.07 2.90
CA GLN A 89 0.82 -4.38 3.54
C GLN A 89 1.46 -5.73 3.25
N MET A 90 0.69 -6.70 2.76
CA MET A 90 1.25 -8.01 2.48
C MET A 90 1.60 -8.29 1.03
N ASN A 91 1.21 -7.40 0.14
CA ASN A 91 1.53 -7.62 -1.25
C ASN A 91 3.06 -7.63 -1.45
N SER A 92 3.52 -8.55 -2.28
CA SER A 92 4.93 -8.71 -2.60
C SER A 92 5.84 -9.12 -1.45
N VAL A 93 5.27 -9.45 -0.30
CA VAL A 93 6.08 -9.89 0.82
C VAL A 93 6.67 -11.24 0.43
N MET A 94 7.91 -11.50 0.80
CA MET A 94 8.55 -12.76 0.43
C MET A 94 8.21 -13.88 1.41
N LEU A 95 7.62 -14.94 0.89
CA LEU A 95 7.24 -16.09 1.72
C LEU A 95 7.71 -17.36 1.02
N GLY A 96 8.50 -18.16 1.72
CA GLY A 96 9.00 -19.39 1.13
C GLY A 96 9.83 -19.13 -0.12
N GLY A 97 10.54 -18.01 -0.13
CA GLY A 97 11.39 -17.68 -1.27
C GLY A 97 10.67 -17.06 -2.46
N ARG A 98 9.36 -16.87 -2.36
CA ARG A 98 8.60 -16.27 -3.45
C ARG A 98 7.91 -15.01 -2.98
N ASN A 99 7.72 -14.05 -3.89
CA ASN A 99 7.02 -12.83 -3.56
C ASN A 99 5.54 -13.15 -3.75
N ILE A 100 4.80 -13.23 -2.65
CA ILE A 100 3.37 -13.54 -2.76
C ILE A 100 2.62 -12.40 -3.39
N LYS A 101 1.45 -12.71 -3.93
CA LYS A 101 0.62 -11.69 -4.57
C LYS A 101 -0.66 -11.61 -3.76
N VAL A 102 -1.12 -10.39 -3.49
CA VAL A 102 -2.35 -10.21 -2.73
C VAL A 102 -3.29 -9.33 -3.54
N GLY A 103 -4.56 -9.72 -3.62
CA GLY A 103 -5.52 -8.92 -4.37
C GLY A 103 -6.92 -9.13 -3.85
N ARG A 104 -7.87 -8.42 -4.47
CA ARG A 104 -9.26 -8.53 -4.08
C ARG A 104 -9.84 -9.68 -4.91
N PRO A 105 -10.88 -10.35 -4.39
CA PRO A 105 -11.50 -11.46 -5.13
C PRO A 105 -12.00 -10.95 -6.48
N SER A 106 -11.78 -11.73 -7.53
CA SER A 106 -12.19 -11.32 -8.88
C SER A 106 -13.68 -11.55 -9.19
N ASN A 107 -14.35 -12.30 -8.32
CA ASN A 107 -15.77 -12.58 -8.48
C ASN A 107 -16.62 -11.31 -8.42
N ILE A 108 -17.08 -10.94 -7.24
CA ILE A 108 -17.89 -9.72 -7.10
C ILE A 108 -19.12 -9.82 -7.98
N GLN A 110 -21.37 -7.94 -9.46
CA GLN A 110 -22.48 -7.05 -9.21
C GLN A 110 -22.40 -6.41 -7.82
N ALA A 111 -21.44 -6.85 -7.01
CA ALA A 111 -21.31 -6.31 -5.67
C ALA A 111 -20.52 -5.00 -5.64
N GLN A 112 -19.75 -4.73 -6.70
CA GLN A 112 -18.93 -3.51 -6.72
C GLN A 112 -19.67 -2.23 -6.35
N PRO A 113 -20.83 -1.96 -6.97
CA PRO A 113 -21.57 -0.73 -6.63
C PRO A 113 -21.94 -0.62 -5.15
N ILE A 114 -22.23 -1.76 -4.51
CA ILE A 114 -22.57 -1.73 -3.10
C ILE A 114 -21.29 -1.48 -2.30
N ILE A 115 -20.21 -2.12 -2.71
CA ILE A 115 -18.93 -1.93 -2.04
C ILE A 115 -18.58 -0.42 -2.13
N ASP A 116 -18.79 0.16 -3.32
CA ASP A 116 -18.49 1.58 -3.51
C ASP A 116 -19.35 2.45 -2.60
N GLN A 117 -20.61 2.06 -2.46
CA GLN A 117 -21.54 2.78 -1.61
C GLN A 117 -21.06 2.74 -0.15
N LEU A 118 -20.64 1.56 0.31
CA LEU A 118 -20.15 1.42 1.68
C LEU A 118 -18.91 2.29 1.92
N ALA A 119 -18.02 2.35 0.95
CA ALA A 119 -16.81 3.15 1.06
C ALA A 119 -17.19 4.63 1.20
N GLU A 120 -18.19 5.05 0.43
CA GLU A 120 -18.65 6.43 0.47
C GLU A 120 -19.26 6.74 1.83
N GLU A 121 -20.09 5.83 2.34
CA GLU A 121 -20.73 6.03 3.65
C GLU A 121 -19.70 6.10 4.77
N ALA A 122 -18.63 5.34 4.63
CA ALA A 122 -17.60 5.30 5.66
C ALA A 122 -16.89 6.63 5.85
N ARG A 123 -16.73 7.38 4.75
CA ARG A 123 -16.05 8.66 4.83
C ARG A 123 -16.78 9.68 5.72
N ALA A 124 -18.04 9.40 6.07
CA ALA A 124 -18.83 10.28 6.92
C ALA A 124 -18.50 10.12 8.41
N PHE A 125 -17.63 9.16 8.72
CA PHE A 125 -17.22 8.89 10.09
C PHE A 125 -15.69 9.01 10.14
N ASN A 126 -15.17 9.45 11.27
CA ASN A 126 -13.73 9.58 11.42
C ASN A 126 -13.30 8.38 12.25
N ARG A 127 -13.55 7.22 11.66
CA ARG A 127 -13.31 5.91 12.24
C ARG A 127 -12.05 5.25 11.69
N ILE A 128 -11.24 4.68 12.59
CA ILE A 128 -10.05 3.97 12.17
C ILE A 128 -10.09 2.56 12.77
N TYR A 129 -9.45 1.63 12.08
CA TYR A 129 -9.37 0.24 12.50
C TYR A 129 -7.98 0.02 13.08
N VAL A 130 -7.91 -0.70 14.20
CA VAL A 130 -6.64 -0.99 14.85
C VAL A 130 -6.53 -2.49 15.08
N ALA A 131 -5.49 -3.10 14.53
CA ALA A 131 -5.30 -4.54 14.69
C ALA A 131 -3.97 -4.81 15.42
N SER A 132 -3.75 -6.08 15.79
CA SER A 132 -2.56 -6.51 16.51
C SER A 132 -2.46 -5.84 17.88
N VAL A 133 -3.61 -5.71 18.55
CA VAL A 133 -3.67 -5.12 19.87
C VAL A 133 -3.35 -6.20 20.90
N HIS A 134 -2.27 -6.00 21.65
CA HIS A 134 -1.85 -6.97 22.66
C HIS A 134 -2.98 -7.26 23.65
N GLN A 135 -3.07 -8.52 24.06
CA GLN A 135 -4.10 -8.96 24.98
C GLN A 135 -4.19 -8.20 26.30
N ASP A 136 -3.07 -7.66 26.78
CA ASP A 136 -3.08 -6.93 28.04
C ASP A 136 -3.69 -5.54 27.95
N LEU A 137 -3.74 -4.95 26.75
CA LEU A 137 -4.33 -3.62 26.60
C LEU A 137 -5.84 -3.70 26.79
N SER A 138 -6.42 -2.64 27.35
CA SER A 138 -7.85 -2.58 27.56
C SER A 138 -8.39 -1.43 26.69
N ASP A 139 -9.70 -1.24 26.68
CA ASP A 139 -10.29 -0.18 25.88
C ASP A 139 -9.77 1.19 26.34
N ASP A 140 -9.69 1.41 27.65
CA ASP A 140 -9.21 2.68 28.15
C ASP A 140 -7.73 2.90 27.87
N ASP A 141 -6.96 1.82 27.80
CA ASP A 141 -5.53 1.92 27.50
C ASP A 141 -5.41 2.46 26.07
N ILE A 142 -6.12 1.80 25.16
CA ILE A 142 -6.11 2.17 23.74
C ILE A 142 -6.60 3.60 23.57
N LYS A 143 -7.67 3.95 24.28
CA LYS A 143 -8.22 5.29 24.19
C LYS A 143 -7.19 6.34 24.60
N SER A 144 -6.57 6.17 25.77
CA SER A 144 -5.58 7.13 26.25
C SER A 144 -4.49 7.37 25.21
N VAL A 145 -3.91 6.29 24.72
CA VAL A 145 -2.84 6.37 23.71
C VAL A 145 -3.30 7.15 22.48
N PHE A 146 -4.43 6.73 21.91
CA PHE A 146 -4.93 7.38 20.71
C PHE A 146 -5.51 8.77 20.87
N GLU A 147 -5.91 9.15 22.07
CA GLU A 147 -6.46 10.50 22.25
C GLU A 147 -5.34 11.56 22.20
N ALA A 148 -4.12 11.11 21.97
CA ALA A 148 -3.00 12.04 21.86
C ALA A 148 -3.15 12.74 20.50
N PHE A 149 -3.93 12.14 19.62
CA PHE A 149 -4.15 12.69 18.29
C PHE A 149 -5.38 13.56 18.21
N GLY A 150 -6.22 13.52 19.23
CA GLY A 150 -7.42 14.32 19.23
C GLY A 150 -8.53 13.72 20.08
N LYS A 151 -9.59 14.49 20.31
CA LYS A 151 -10.72 14.05 21.12
C LYS A 151 -11.38 12.81 20.51
N ILE A 152 -11.66 11.82 21.35
CA ILE A 152 -12.27 10.58 20.90
C ILE A 152 -13.73 10.40 21.32
N LYS A 153 -14.58 10.03 20.37
CA LYS A 153 -16.00 9.79 20.64
C LYS A 153 -16.16 8.39 21.23
N SER A 154 -15.43 7.42 20.70
CA SER A 154 -15.49 6.06 21.22
C SER A 154 -14.29 5.23 20.81
N ALA A 155 -13.86 4.36 21.70
CA ALA A 155 -12.76 3.45 21.48
C ALA A 155 -13.26 2.10 21.96
N THR A 156 -13.41 1.14 21.04
CA THR A 156 -13.94 -0.16 21.41
C THR A 156 -13.24 -1.36 20.78
N LEU A 157 -12.76 -2.27 21.62
CA LEU A 157 -12.10 -3.47 21.12
C LEU A 157 -13.16 -4.55 20.92
N ALA A 158 -13.04 -5.31 19.84
CA ALA A 158 -14.00 -6.38 19.55
C ALA A 158 -13.79 -7.49 20.58
N ARG A 159 -14.87 -8.04 21.10
CA ARG A 159 -14.74 -9.08 22.10
C ARG A 159 -15.45 -10.39 21.80
N ASP A 160 -14.90 -11.47 22.32
CA ASP A 160 -15.48 -12.79 22.14
C ASP A 160 -16.84 -12.73 22.87
N PRO A 161 -17.93 -13.09 22.19
CA PRO A 161 -19.25 -13.06 22.82
C PRO A 161 -19.40 -13.99 24.03
N THR A 162 -18.52 -14.99 24.12
CA THR A 162 -18.59 -15.96 25.21
C THR A 162 -17.70 -15.63 26.41
N THR A 163 -16.44 -15.30 26.14
CA THR A 163 -15.48 -15.01 27.20
C THR A 163 -15.37 -13.55 27.61
N GLY A 164 -15.62 -12.64 26.69
CA GLY A 164 -15.50 -11.23 27.01
C GLY A 164 -14.09 -10.73 26.77
N LYS A 165 -13.21 -11.62 26.34
CA LYS A 165 -11.82 -11.27 26.07
C LYS A 165 -11.75 -10.62 24.68
N HIS A 166 -11.03 -9.51 24.55
CA HIS A 166 -10.97 -8.86 23.24
C HIS A 166 -10.22 -9.71 22.24
N LYS A 167 -10.58 -9.55 20.97
CA LYS A 167 -9.98 -10.34 19.90
C LYS A 167 -8.77 -9.73 19.20
N GLY A 168 -8.12 -8.78 19.85
CA GLY A 168 -6.93 -8.19 19.27
C GLY A 168 -7.14 -7.08 18.24
N TYR A 169 -8.34 -6.52 18.19
CA TYR A 169 -8.60 -5.45 17.23
C TYR A 169 -9.78 -4.65 17.69
N GLY A 170 -9.93 -3.45 17.14
CA GLY A 170 -11.05 -2.62 17.52
C GLY A 170 -11.18 -1.42 16.60
N PHE A 171 -12.12 -0.54 16.93
CA PHE A 171 -12.35 0.67 16.16
C PHE A 171 -12.35 1.88 17.07
N ILE A 172 -11.86 2.99 16.53
CA ILE A 172 -11.80 4.23 17.28
C ILE A 172 -12.41 5.31 16.41
N GLU A 173 -13.33 6.08 16.99
CA GLU A 173 -14.00 7.17 16.30
C GLU A 173 -13.53 8.49 16.90
N TYR A 174 -13.04 9.38 16.05
CA TYR A 174 -12.58 10.69 16.48
C TYR A 174 -13.60 11.74 16.14
N GLU A 175 -13.59 12.83 16.89
CA GLU A 175 -14.50 13.94 16.64
C GLU A 175 -14.10 14.65 15.35
N LYS A 176 -12.81 14.72 15.09
CA LYS A 176 -12.33 15.40 13.90
C LYS A 176 -11.54 14.54 12.92
N ALA A 177 -11.75 14.81 11.63
CA ALA A 177 -11.10 14.07 10.56
C ALA A 177 -9.56 14.17 10.63
N GLN A 178 -9.05 15.36 10.95
CA GLN A 178 -7.61 15.55 11.04
C GLN A 178 -7.02 14.65 12.11
N SER A 179 -7.77 14.44 13.18
CA SER A 179 -7.32 13.57 14.28
C SER A 179 -7.15 12.14 13.79
N SER A 180 -8.13 11.62 13.06
CA SER A 180 -8.06 10.26 12.54
C SER A 180 -6.92 10.12 11.53
N GLN A 181 -6.73 11.14 10.69
CA GLN A 181 -5.65 11.09 9.70
C GLN A 181 -4.29 11.06 10.39
N ASP A 182 -4.13 11.87 11.44
CA ASP A 182 -2.88 11.93 12.19
C ASP A 182 -2.61 10.59 12.85
N ALA A 183 -3.65 10.01 13.46
CA ALA A 183 -3.50 8.72 14.13
C ALA A 183 -3.04 7.60 13.20
N VAL A 184 -3.64 7.50 12.02
CA VAL A 184 -3.27 6.44 11.06
C VAL A 184 -1.80 6.60 10.67
N SER A 185 -1.43 7.83 10.29
CA SER A 185 -0.06 8.16 9.90
C SER A 185 0.98 7.88 10.99
N SER A 186 0.63 8.19 12.24
CA SER A 186 1.53 7.99 13.36
C SER A 186 1.50 6.61 14.02
N MET A 187 0.34 5.96 14.04
CA MET A 187 0.24 4.67 14.71
C MET A 187 0.35 3.38 13.89
N ASN A 188 0.25 3.44 12.57
CA ASN A 188 0.40 2.19 11.84
C ASN A 188 1.85 1.74 12.01
N LEU A 189 2.03 0.47 12.38
CA LEU A 189 3.35 -0.11 12.63
C LEU A 189 4.00 0.41 13.90
N PHE A 190 3.20 0.94 14.82
CA PHE A 190 3.68 1.43 16.10
C PHE A 190 3.88 0.23 17.01
N ASP A 191 5.05 0.14 17.65
CA ASP A 191 5.36 -0.99 18.54
C ASP A 191 4.68 -0.82 19.91
N LEU A 192 3.64 -1.62 20.18
CA LEU A 192 2.91 -1.55 21.44
C LEU A 192 2.72 -2.93 22.07
N GLY A 193 3.26 -3.09 23.28
CA GLY A 193 3.15 -4.36 23.97
C GLY A 193 3.95 -5.49 23.35
N GLY A 194 4.93 -5.15 22.52
CA GLY A 194 5.75 -6.17 21.88
C GLY A 194 5.43 -6.43 20.43
N GLN A 195 4.23 -6.02 19.99
CA GLN A 195 3.86 -6.22 18.60
C GLN A 195 3.62 -4.89 17.90
N TYR A 196 3.57 -4.93 16.57
CA TYR A 196 3.36 -3.71 15.81
C TYR A 196 1.89 -3.58 15.44
N LEU A 197 1.30 -2.46 15.83
CA LEU A 197 -0.10 -2.20 15.53
C LEU A 197 -0.25 -2.04 14.03
N ARG A 198 -1.40 -2.45 13.50
CA ARG A 198 -1.70 -2.33 12.08
C ARG A 198 -2.91 -1.41 12.13
N VAL A 199 -2.76 -0.20 11.59
CA VAL A 199 -3.82 0.79 11.64
C VAL A 199 -4.19 1.36 10.27
N GLY A 200 -5.49 1.60 10.08
CA GLY A 200 -5.95 2.15 8.84
C GLY A 200 -7.35 2.74 8.96
N LYS A 201 -7.71 3.54 7.95
CA LYS A 201 -9.01 4.19 7.90
C LYS A 201 -10.10 3.14 7.66
N ALA A 202 -11.29 3.35 8.24
CA ALA A 202 -12.38 2.38 8.06
C ALA A 202 -12.83 2.42 6.61
N VAL A 203 -13.32 1.29 6.10
CA VAL A 203 -13.77 1.20 4.72
C VAL A 203 -15.28 0.94 4.67
N THR A 204 -15.88 0.95 5.85
CA THR A 204 -17.31 0.69 6.00
C THR A 204 -17.81 1.60 7.12
N PRO A 205 -19.10 1.97 7.06
CA PRO A 205 -19.58 2.82 8.15
C PRO A 205 -19.87 1.86 9.31
N PRO A 206 -20.00 2.38 10.54
CA PRO A 206 -20.30 1.47 11.65
C PRO A 206 -21.74 1.00 11.49
N MET A 207 -22.05 -0.22 11.94
CA MET A 207 -23.43 -0.72 11.81
C MET A 207 -23.89 -0.56 10.35
N PRO A 208 -23.13 -1.11 9.40
CA PRO A 208 -23.50 -1.00 7.99
C PRO A 208 -24.86 -1.55 7.56
N LEU A 209 -25.36 -2.59 8.21
CA LEU A 209 -26.67 -3.06 7.75
C LEU A 209 -27.84 -2.50 8.54
N LEU A 210 -27.60 -1.43 9.31
CA LEU A 210 -28.67 -0.79 10.06
C LEU A 210 -29.28 0.34 9.23
N GLY B 14 32.04 2.13 5.90
CA GLY B 14 30.83 2.32 5.04
C GLY B 14 30.25 1.00 4.57
N ARG B 15 29.51 1.03 3.46
CA ARG B 15 28.92 -0.19 2.93
C ARG B 15 28.35 -0.06 1.52
N GLY B 16 28.86 -0.90 0.64
CA GLY B 16 28.41 -0.88 -0.73
C GLY B 16 29.33 -0.03 -1.58
N SER B 17 29.94 -0.63 -2.59
CA SER B 17 30.81 0.12 -3.48
C SER B 17 29.85 0.94 -4.31
N ALA B 18 30.34 2.02 -4.90
CA ALA B 18 29.50 2.85 -5.74
C ALA B 18 28.83 1.96 -6.79
N ALA B 19 29.57 0.97 -7.29
CA ALA B 19 29.06 0.05 -8.30
C ALA B 19 27.95 -0.85 -7.73
N GLN B 20 28.10 -1.27 -6.49
CA GLN B 20 27.08 -2.12 -5.86
C GLN B 20 25.80 -1.34 -5.63
N ARG B 21 25.97 -0.12 -5.13
CA ARG B 21 24.85 0.77 -4.86
C ARG B 21 24.08 1.06 -6.14
N GLN B 22 24.79 1.30 -7.24
CA GLN B 22 24.14 1.59 -8.52
C GLN B 22 23.34 0.38 -9.01
N GLY B 23 23.89 -0.82 -8.80
CA GLY B 23 23.18 -2.02 -9.23
C GLY B 23 21.88 -2.17 -8.45
N ALA B 24 21.93 -1.84 -7.17
CA ALA B 24 20.77 -1.92 -6.31
C ALA B 24 19.74 -0.87 -6.71
N LEU B 25 20.20 0.35 -6.98
CA LEU B 25 19.30 1.41 -7.37
C LEU B 25 18.54 1.02 -8.64
N ALA B 26 19.22 0.34 -9.55
CA ALA B 26 18.60 -0.08 -10.80
C ALA B 26 17.48 -1.08 -10.55
N ILE B 27 17.74 -2.06 -9.68
CA ILE B 27 16.73 -3.06 -9.35
C ILE B 27 15.55 -2.43 -8.62
N MET B 28 15.87 -1.49 -7.73
CA MET B 28 14.85 -0.79 -6.95
C MET B 28 13.98 0.12 -7.80
N SER B 29 14.39 0.37 -9.03
CA SER B 29 13.63 1.24 -9.92
C SER B 29 12.65 0.48 -10.82
N ARG B 30 12.62 -0.84 -10.69
CA ARG B 30 11.74 -1.67 -11.53
C ARG B 30 10.67 -2.42 -10.72
N VAL B 31 9.48 -2.56 -11.31
CA VAL B 31 8.42 -3.33 -10.66
C VAL B 31 7.92 -4.38 -11.62
N TYR B 32 7.59 -5.54 -11.05
CA TYR B 32 7.04 -6.64 -11.83
C TYR B 32 5.55 -6.35 -11.93
N VAL B 33 4.98 -6.55 -13.12
CA VAL B 33 3.55 -6.36 -13.31
C VAL B 33 3.05 -7.65 -13.95
N GLY B 34 2.13 -8.33 -13.26
CA GLY B 34 1.61 -9.59 -13.77
C GLY B 34 0.10 -9.61 -13.93
N SER B 35 -0.40 -10.68 -14.55
CA SER B 35 -1.83 -10.84 -14.80
C SER B 35 -2.34 -9.76 -15.75
N ILE B 36 -1.54 -9.48 -16.78
CA ILE B 36 -1.90 -8.49 -17.78
C ILE B 36 -2.80 -9.16 -18.82
N TYR B 37 -3.98 -8.59 -19.04
CA TYR B 37 -4.92 -9.13 -20.01
C TYR B 37 -4.22 -9.25 -21.37
N TYR B 38 -4.42 -10.39 -22.04
CA TYR B 38 -3.79 -10.63 -23.32
C TYR B 38 -3.95 -9.51 -24.36
N GLU B 39 -5.09 -8.85 -24.37
CA GLU B 39 -5.29 -7.79 -25.37
C GLU B 39 -4.60 -6.47 -25.02
N LEU B 40 -4.13 -6.33 -23.80
CA LEU B 40 -3.46 -5.10 -23.40
C LEU B 40 -1.99 -5.10 -23.83
N GLY B 41 -1.50 -3.92 -24.19
CA GLY B 41 -0.13 -3.79 -24.63
C GLY B 41 0.68 -2.76 -23.85
N GLU B 42 1.91 -2.55 -24.29
CA GLU B 42 2.82 -1.61 -23.64
C GLU B 42 2.20 -0.24 -23.38
N ASP B 43 1.49 0.32 -24.36
CA ASP B 43 0.88 1.63 -24.22
C ASP B 43 -0.13 1.72 -23.06
N THR B 44 -0.87 0.64 -22.82
CA THR B 44 -1.85 0.60 -21.73
C THR B 44 -1.11 0.62 -20.40
N ILE B 45 -0.10 -0.23 -20.29
CA ILE B 45 0.70 -0.33 -19.08
C ILE B 45 1.34 1.02 -18.76
N ARG B 46 1.94 1.64 -19.78
CA ARG B 46 2.59 2.92 -19.60
C ARG B 46 1.61 3.94 -19.03
N GLN B 47 0.45 4.05 -19.66
CA GLN B 47 -0.57 5.00 -19.22
C GLN B 47 -0.97 4.78 -17.77
N ALA B 48 -1.11 3.51 -17.39
CA ALA B 48 -1.50 3.15 -16.04
C ALA B 48 -0.42 3.38 -14.97
N PHE B 49 0.85 3.23 -15.35
CA PHE B 49 1.94 3.41 -14.40
C PHE B 49 2.67 4.75 -14.44
N ALA B 50 2.42 5.55 -15.47
CA ALA B 50 3.07 6.86 -15.59
C ALA B 50 2.77 7.88 -14.46
N PRO B 51 1.60 7.78 -13.80
CA PRO B 51 1.32 8.75 -12.73
C PRO B 51 2.34 8.80 -11.60
N PHE B 52 3.12 7.74 -11.46
CA PHE B 52 4.11 7.65 -10.38
C PHE B 52 5.49 8.17 -10.74
N GLY B 53 5.67 8.47 -12.02
CA GLY B 53 6.93 8.98 -12.51
C GLY B 53 7.03 8.60 -13.96
N PRO B 54 7.79 9.34 -14.78
CA PRO B 54 7.88 8.96 -16.19
C PRO B 54 8.56 7.61 -16.39
N ILE B 55 7.97 6.76 -17.21
CA ILE B 55 8.51 5.43 -17.48
C ILE B 55 9.79 5.54 -18.33
N LYS B 56 10.83 4.87 -17.88
CA LYS B 56 12.12 4.87 -18.57
C LYS B 56 12.09 3.84 -19.69
N SER B 57 11.49 2.68 -19.40
CA SER B 57 11.36 1.60 -20.37
C SER B 57 10.47 0.52 -19.78
N ILE B 58 9.99 -0.38 -20.64
CA ILE B 58 9.18 -1.51 -20.21
C ILE B 58 9.64 -2.77 -20.93
N ASP B 59 9.91 -3.81 -20.16
CA ASP B 59 10.32 -5.07 -20.76
C ASP B 59 9.11 -6.00 -20.69
N MET B 60 8.46 -6.17 -21.84
CA MET B 60 7.27 -7.00 -21.95
C MET B 60 7.58 -8.44 -22.34
N SER B 61 6.97 -9.38 -21.65
CA SER B 61 7.17 -10.79 -21.96
C SER B 61 6.67 -11.04 -23.40
N TRP B 62 7.17 -12.09 -24.04
CA TRP B 62 6.72 -12.37 -25.40
C TRP B 62 6.93 -13.82 -25.88
N ASP B 63 5.92 -14.38 -26.54
CA ASP B 63 6.02 -15.74 -27.08
C ASP B 63 5.93 -15.72 -28.59
N SER B 64 6.99 -16.21 -29.21
CA SER B 64 7.15 -16.29 -30.67
C SER B 64 6.16 -17.19 -31.40
N VAL B 65 5.68 -18.23 -30.73
CA VAL B 65 4.74 -19.17 -31.35
C VAL B 65 3.30 -18.70 -31.30
N THR B 66 2.90 -18.09 -30.19
CA THR B 66 1.54 -17.62 -30.02
C THR B 66 1.38 -16.17 -30.47
N MET B 67 2.51 -15.48 -30.65
CA MET B 67 2.51 -14.08 -31.06
C MET B 67 1.73 -13.21 -30.08
N LYS B 68 2.17 -13.23 -28.83
CA LYS B 68 1.56 -12.45 -27.76
C LYS B 68 2.46 -12.46 -26.54
N HIS B 69 2.21 -11.53 -25.61
CA HIS B 69 3.01 -11.47 -24.41
C HIS B 69 2.56 -12.57 -23.46
N LYS B 70 3.41 -12.89 -22.49
CA LYS B 70 3.15 -13.94 -21.52
C LYS B 70 2.37 -13.49 -20.28
N GLY B 71 1.70 -12.33 -20.36
CA GLY B 71 0.92 -11.88 -19.22
C GLY B 71 1.65 -11.08 -18.15
N PHE B 72 2.92 -10.76 -18.36
CA PHE B 72 3.65 -9.98 -17.38
C PHE B 72 4.68 -9.06 -18.02
N ALA B 73 5.13 -8.08 -17.25
CA ALA B 73 6.10 -7.12 -17.74
C ALA B 73 6.86 -6.48 -16.60
N PHE B 74 7.96 -5.82 -16.92
CA PHE B 74 8.76 -5.13 -15.92
C PHE B 74 8.80 -3.67 -16.33
N VAL B 75 8.24 -2.81 -15.48
CA VAL B 75 8.23 -1.38 -15.75
C VAL B 75 9.42 -0.78 -15.00
N GLU B 76 10.22 -0.01 -15.73
CA GLU B 76 11.40 0.64 -15.14
C GLU B 76 11.16 2.14 -15.04
N TYR B 77 11.40 2.68 -13.86
CA TYR B 77 11.26 4.11 -13.62
C TYR B 77 12.63 4.76 -13.55
N GLU B 78 12.65 6.07 -13.49
CA GLU B 78 13.89 6.82 -13.42
C GLU B 78 14.47 6.83 -12.00
N VAL B 79 13.60 6.71 -10.99
CA VAL B 79 14.06 6.69 -9.59
C VAL B 79 13.31 5.62 -8.81
N PRO B 80 13.94 5.10 -7.74
CA PRO B 80 13.35 4.06 -6.87
C PRO B 80 12.01 4.43 -6.25
N GLU B 81 11.86 5.70 -5.90
CA GLU B 81 10.65 6.20 -5.27
C GLU B 81 9.40 6.00 -6.11
N ALA B 82 9.54 6.13 -7.43
CA ALA B 82 8.41 5.94 -8.33
C ALA B 82 7.95 4.48 -8.30
N ALA B 83 8.91 3.57 -8.27
CA ALA B 83 8.59 2.14 -8.24
C ALA B 83 7.92 1.79 -6.91
N GLN B 84 8.37 2.43 -5.83
CA GLN B 84 7.78 2.18 -4.53
C GLN B 84 6.32 2.62 -4.49
N LEU B 85 6.01 3.81 -5.03
CA LEU B 85 4.62 4.27 -5.04
C LEU B 85 3.75 3.39 -5.94
N ALA B 86 4.28 3.03 -7.10
CA ALA B 86 3.54 2.18 -8.03
C ALA B 86 3.21 0.86 -7.34
N LEU B 87 4.16 0.35 -6.57
CA LEU B 87 3.98 -0.91 -5.85
C LEU B 87 2.85 -0.79 -4.83
N GLU B 88 2.82 0.32 -4.10
CA GLU B 88 1.82 0.54 -3.07
C GLU B 88 0.45 0.97 -3.58
N GLN B 89 0.40 1.55 -4.78
CA GLN B 89 -0.88 2.04 -5.30
C GLN B 89 -1.48 1.34 -6.51
N MET B 90 -0.67 0.57 -7.24
CA MET B 90 -1.19 -0.11 -8.43
C MET B 90 -1.51 -1.57 -8.25
N ASN B 91 -1.14 -2.15 -7.12
CA ASN B 91 -1.45 -3.55 -6.94
C ASN B 91 -2.96 -3.77 -6.90
N SER B 92 -3.39 -4.86 -7.53
CA SER B 92 -4.80 -5.25 -7.61
C SER B 92 -5.71 -4.29 -8.37
N VAL B 93 -5.16 -3.27 -9.02
CA VAL B 93 -6.01 -2.36 -9.76
C VAL B 93 -6.52 -3.16 -10.96
N MET B 94 -7.77 -2.94 -11.35
CA MET B 94 -8.31 -3.71 -12.46
C MET B 94 -8.00 -3.09 -13.81
N LEU B 95 -7.37 -3.89 -14.65
CA LEU B 95 -6.98 -3.45 -15.98
C LEU B 95 -7.41 -4.51 -16.99
N GLY B 96 -8.20 -4.11 -17.97
CA GLY B 96 -8.66 -5.06 -18.97
C GLY B 96 -9.42 -6.19 -18.32
N GLY B 97 -10.23 -5.87 -17.33
CA GLY B 97 -11.04 -6.88 -16.65
C GLY B 97 -10.33 -7.80 -15.68
N ARG B 98 -9.01 -7.64 -15.52
CA ARG B 98 -8.25 -8.47 -14.59
C ARG B 98 -7.62 -7.60 -13.51
N ASN B 99 -7.43 -8.17 -12.33
CA ASN B 99 -6.77 -7.43 -11.26
C ASN B 99 -5.30 -7.71 -11.47
N ILE B 100 -4.56 -6.68 -11.87
CA ILE B 100 -3.14 -6.86 -12.11
C ILE B 100 -2.40 -7.07 -10.81
N LYS B 101 -1.21 -7.65 -10.91
CA LYS B 101 -0.41 -7.88 -9.73
C LYS B 101 0.88 -7.12 -9.89
N VAL B 102 1.30 -6.46 -8.82
CA VAL B 102 2.53 -5.69 -8.87
C VAL B 102 3.44 -6.15 -7.74
N GLY B 103 4.73 -6.31 -8.07
CA GLY B 103 5.67 -6.75 -7.06
C GLY B 103 7.08 -6.30 -7.38
N ARG B 104 8.01 -6.64 -6.49
CA ARG B 104 9.40 -6.28 -6.71
C ARG B 104 10.02 -7.42 -7.53
N PRO B 105 11.07 -7.11 -8.30
CA PRO B 105 11.74 -8.13 -9.12
C PRO B 105 12.23 -9.25 -8.21
N SER B 106 12.05 -10.50 -8.64
CA SER B 106 12.47 -11.66 -7.83
C SER B 106 13.96 -11.99 -7.93
N ASN B 107 14.64 -11.41 -8.91
CA ASN B 107 16.07 -11.70 -9.04
C ASN B 107 16.91 -11.14 -7.91
N GLN B 110 21.56 -10.98 -4.26
CA GLN B 110 22.65 -10.43 -3.45
C GLN B 110 22.54 -8.93 -3.29
N ALA B 111 21.59 -8.32 -3.98
CA ALA B 111 21.41 -6.87 -3.88
C ALA B 111 20.60 -6.46 -2.65
N GLN B 112 19.84 -7.39 -2.08
CA GLN B 112 19.00 -7.06 -0.93
C GLN B 112 19.70 -6.29 0.20
N PRO B 113 20.87 -6.78 0.65
CA PRO B 113 21.56 -6.04 1.73
C PRO B 113 21.91 -4.60 1.37
N ILE B 114 22.21 -4.35 0.10
CA ILE B 114 22.54 -2.99 -0.34
C ILE B 114 21.26 -2.18 -0.34
N ILE B 115 20.19 -2.79 -0.84
CA ILE B 115 18.89 -2.13 -0.87
C ILE B 115 18.51 -1.75 0.58
N ASP B 116 18.70 -2.69 1.50
CA ASP B 116 18.38 -2.43 2.91
C ASP B 116 19.22 -1.30 3.47
N GLN B 117 20.48 -1.25 3.07
CA GLN B 117 21.37 -0.20 3.54
C GLN B 117 20.88 1.16 3.03
N LEU B 118 20.46 1.21 1.76
CA LEU B 118 19.96 2.46 1.18
C LEU B 118 18.72 2.95 1.91
N ALA B 119 17.82 2.03 2.25
CA ALA B 119 16.60 2.38 2.95
C ALA B 119 16.94 2.95 4.33
N GLU B 120 17.94 2.37 4.99
CA GLU B 120 18.37 2.84 6.29
C GLU B 120 18.95 4.25 6.18
N GLU B 121 19.79 4.46 5.16
CA GLU B 121 20.40 5.77 4.97
C GLU B 121 19.38 6.85 4.65
N ALA B 122 18.31 6.47 3.96
CA ALA B 122 17.28 7.43 3.59
C ALA B 122 16.54 7.99 4.80
N ARG B 123 16.38 7.17 5.84
CA ARG B 123 15.69 7.61 7.04
C ARG B 123 16.36 8.80 7.72
N ALA B 124 17.62 9.06 7.38
CA ALA B 124 18.36 10.19 7.97
C ALA B 124 18.03 11.54 7.34
N PHE B 125 17.17 11.50 6.33
CA PHE B 125 16.74 12.71 5.63
C PHE B 125 15.23 12.78 5.71
N ASN B 126 14.66 13.99 5.76
CA ASN B 126 13.21 14.14 5.80
C ASN B 126 12.81 14.53 4.39
N ARG B 127 13.11 13.62 3.49
CA ARG B 127 12.89 13.79 2.06
C ARG B 127 11.66 13.02 1.57
N ILE B 128 10.86 13.68 0.75
CA ILE B 128 9.67 13.05 0.17
C ILE B 128 9.75 13.18 -1.35
N TYR B 129 9.13 12.22 -2.03
CA TYR B 129 9.09 12.21 -3.49
C TYR B 129 7.69 12.63 -3.90
N VAL B 130 7.62 13.50 -4.92
CA VAL B 130 6.34 13.98 -5.44
C VAL B 130 6.27 13.73 -6.93
N ALA B 131 5.26 13.01 -7.37
CA ALA B 131 5.09 12.71 -8.79
C ALA B 131 3.75 13.27 -9.29
N SER B 132 3.56 13.24 -10.59
CA SER B 132 2.34 13.76 -11.24
C SER B 132 2.22 15.28 -11.05
N VAL B 133 3.36 15.96 -11.12
CA VAL B 133 3.41 17.40 -10.97
C VAL B 133 3.10 18.05 -12.32
N HIS B 134 2.01 18.80 -12.37
CA HIS B 134 1.59 19.48 -13.60
C HIS B 134 2.72 20.35 -14.18
N GLN B 135 2.82 20.34 -15.50
CA GLN B 135 3.83 21.09 -16.23
C GLN B 135 3.91 22.59 -15.90
N ASP B 136 2.77 23.19 -15.55
CA ASP B 136 2.78 24.62 -15.24
C ASP B 136 3.33 24.99 -13.87
N LEU B 137 3.39 24.03 -12.96
CA LEU B 137 3.93 24.30 -11.63
C LEU B 137 5.44 24.48 -11.72
N SER B 138 5.97 25.35 -10.87
CA SER B 138 7.41 25.59 -10.85
C SER B 138 7.93 25.14 -9.48
N ASP B 139 9.24 25.23 -9.27
CA ASP B 139 9.83 24.82 -8.00
C ASP B 139 9.25 25.64 -6.85
N ASP B 140 9.15 26.94 -7.05
CA ASP B 140 8.64 27.85 -6.04
C ASP B 140 7.17 27.59 -5.74
N ASP B 141 6.42 27.19 -6.76
CA ASP B 141 5.01 26.90 -6.58
C ASP B 141 4.88 25.69 -5.67
N ILE B 142 5.62 24.63 -5.98
CA ILE B 142 5.60 23.40 -5.20
C ILE B 142 6.06 23.68 -3.77
N LYS B 143 7.12 24.48 -3.64
CA LYS B 143 7.64 24.83 -2.33
C LYS B 143 6.59 25.53 -1.47
N SER B 144 5.96 26.58 -2.02
CA SER B 144 4.93 27.31 -1.25
C SER B 144 3.85 26.38 -0.72
N VAL B 145 3.30 25.56 -1.61
CA VAL B 145 2.25 24.61 -1.24
C VAL B 145 2.70 23.68 -0.11
N PHE B 146 3.84 23.04 -0.32
CA PHE B 146 4.35 22.11 0.67
C PHE B 146 4.90 22.71 1.96
N GLU B 147 5.29 23.97 1.97
CA GLU B 147 5.78 24.54 3.21
C GLU B 147 4.65 24.81 4.20
N ALA B 148 3.43 24.43 3.82
CA ALA B 148 2.29 24.60 4.72
C ALA B 148 2.45 23.53 5.80
N PHE B 149 3.25 22.51 5.52
CA PHE B 149 3.47 21.44 6.47
C PHE B 149 4.69 21.63 7.35
N GLY B 150 5.52 22.62 6.99
CA GLY B 150 6.71 22.89 7.77
C GLY B 150 7.81 23.54 6.97
N LYS B 151 8.83 24.04 7.66
CA LYS B 151 9.96 24.69 6.98
C LYS B 151 10.67 23.74 6.02
N ILE B 152 10.98 24.23 4.82
CA ILE B 152 11.62 23.45 3.77
C ILE B 152 13.09 23.81 3.52
N LYS B 153 13.95 22.80 3.47
CA LYS B 153 15.37 23.00 3.20
C LYS B 153 15.55 23.15 1.70
N SER B 154 14.85 22.32 0.93
CA SER B 154 14.94 22.39 -0.53
C SER B 154 13.76 21.71 -1.21
N ALA B 155 13.36 22.29 -2.33
CA ALA B 155 12.27 21.77 -3.14
C ALA B 155 12.79 21.83 -4.57
N THR B 156 12.98 20.68 -5.20
CA THR B 156 13.50 20.67 -6.55
C THR B 156 12.87 19.66 -7.50
N LEU B 157 12.39 20.15 -8.63
CA LEU B 157 11.78 19.29 -9.63
C LEU B 157 12.87 18.80 -10.57
N ALA B 158 12.79 17.52 -10.97
CA ALA B 158 13.77 16.95 -11.88
C ALA B 158 13.57 17.58 -13.25
N ARG B 159 14.66 17.90 -13.92
CA ARG B 159 14.55 18.54 -15.22
C ARG B 159 15.29 17.86 -16.36
N ASP B 160 14.75 18.01 -17.56
CA ASP B 160 15.37 17.45 -18.74
C ASP B 160 16.70 18.19 -18.88
N PRO B 161 17.81 17.45 -19.02
CA PRO B 161 19.15 18.06 -19.16
C PRO B 161 19.30 18.95 -20.40
N THR B 162 18.44 18.74 -21.40
CA THR B 162 18.52 19.49 -22.64
C THR B 162 17.58 20.69 -22.73
N THR B 163 16.33 20.49 -22.34
CA THR B 163 15.30 21.52 -22.39
C THR B 163 15.19 22.41 -21.16
N GLY B 164 15.41 21.82 -19.99
CA GLY B 164 15.29 22.57 -18.76
C GLY B 164 13.85 22.46 -18.24
N LYS B 165 13.02 21.75 -18.99
CA LYS B 165 11.61 21.57 -18.59
C LYS B 165 11.55 20.46 -17.53
N HIS B 166 10.81 20.67 -16.45
CA HIS B 166 10.74 19.64 -15.42
C HIS B 166 10.02 18.40 -15.93
N LYS B 167 10.39 17.24 -15.38
CA LYS B 167 9.84 15.96 -15.81
C LYS B 167 8.62 15.46 -15.06
N GLY B 168 7.93 16.36 -14.36
CA GLY B 168 6.74 15.95 -13.64
C GLY B 168 6.94 15.33 -12.26
N TYR B 169 8.12 15.47 -11.69
CA TYR B 169 8.36 14.92 -10.36
C TYR B 169 9.55 15.61 -9.73
N GLY B 170 9.67 15.47 -8.42
CA GLY B 170 10.76 16.11 -7.72
C GLY B 170 10.88 15.61 -6.31
N PHE B 171 11.79 16.22 -5.56
CA PHE B 171 12.02 15.86 -4.16
C PHE B 171 11.96 17.09 -3.29
N ILE B 172 11.47 16.91 -2.08
CA ILE B 172 11.37 18.00 -1.14
C ILE B 172 11.94 17.52 0.18
N GLU B 173 12.83 18.33 0.74
CA GLU B 173 13.43 18.00 2.02
C GLU B 173 12.98 19.00 3.07
N TYR B 174 12.47 18.47 4.18
CA TYR B 174 11.99 19.28 5.27
C TYR B 174 12.99 19.29 6.40
N GLU B 175 12.93 20.34 7.21
CA GLU B 175 13.83 20.45 8.36
C GLU B 175 13.42 19.44 9.42
N LYS B 176 12.12 19.18 9.54
CA LYS B 176 11.63 18.25 10.55
C LYS B 176 10.90 17.03 10.02
N ALA B 177 11.12 15.89 10.67
CA ALA B 177 10.48 14.64 10.28
C ALA B 177 8.95 14.71 10.33
N GLN B 178 8.43 15.37 11.35
CA GLN B 178 6.98 15.52 11.52
C GLN B 178 6.39 16.23 10.30
N SER B 179 7.13 17.19 9.77
CA SER B 179 6.68 17.94 8.60
C SER B 179 6.55 17.05 7.38
N SER B 180 7.55 16.20 7.13
CA SER B 180 7.51 15.29 5.99
C SER B 180 6.39 14.26 6.16
N GLN B 181 6.20 13.77 7.37
CA GLN B 181 5.15 12.79 7.64
C GLN B 181 3.77 13.41 7.38
N ASP B 182 3.58 14.66 7.80
CA ASP B 182 2.31 15.34 7.60
C ASP B 182 2.07 15.57 6.11
N ALA B 183 3.11 15.98 5.40
CA ALA B 183 3.00 16.23 3.96
C ALA B 183 2.57 15.00 3.17
N VAL B 184 3.19 13.85 3.46
CA VAL B 184 2.86 12.60 2.76
C VAL B 184 1.39 12.25 3.00
N SER B 185 0.98 12.27 4.27
CA SER B 185 -0.38 11.95 4.66
C SER B 185 -1.42 12.89 4.05
N SER B 186 -1.11 14.18 3.96
CA SER B 186 -2.06 15.13 3.39
C SER B 186 -1.98 15.36 1.89
N MET B 187 -0.80 15.20 1.30
CA MET B 187 -0.67 15.46 -0.13
C MET B 187 -0.71 14.28 -1.11
N ASN B 188 -0.61 13.04 -0.65
CA ASN B 188 -0.72 11.93 -1.58
C ASN B 188 -2.16 11.94 -2.12
N LEU B 189 -2.30 11.90 -3.43
CA LEU B 189 -3.60 11.93 -4.10
C LEU B 189 -4.32 13.28 -4.00
N PHE B 190 -3.54 14.34 -3.76
CA PHE B 190 -4.09 15.69 -3.68
C PHE B 190 -4.26 16.19 -5.13
N ASP B 191 -5.42 16.75 -5.46
CA ASP B 191 -5.64 17.23 -6.82
C ASP B 191 -5.03 18.61 -7.05
N LEU B 192 -3.98 18.65 -7.87
CA LEU B 192 -3.26 19.88 -8.18
C LEU B 192 -3.06 20.06 -9.69
N GLY B 193 -3.61 21.15 -10.23
CA GLY B 193 -3.48 21.42 -11.65
C GLY B 193 -4.26 20.46 -12.54
N GLY B 194 -5.24 19.75 -11.98
CA GLY B 194 -6.02 18.81 -12.75
C GLY B 194 -5.66 17.35 -12.55
N GLN B 195 -4.47 17.10 -12.01
CA GLN B 195 -4.00 15.73 -11.77
C GLN B 195 -3.84 15.46 -10.28
N TYR B 196 -3.76 14.20 -9.90
CA TYR B 196 -3.60 13.87 -8.50
C TYR B 196 -2.14 13.57 -8.23
N LEU B 197 -1.56 14.29 -7.27
CA LEU B 197 -0.16 14.10 -6.94
C LEU B 197 0.00 12.73 -6.29
N ARG B 198 1.16 12.12 -6.50
CA ARG B 198 1.47 10.82 -5.92
C ARG B 198 2.65 11.19 -5.06
N VAL B 199 2.49 11.05 -3.75
CA VAL B 199 3.51 11.43 -2.78
C VAL B 199 3.90 10.32 -1.82
N GLY B 200 5.19 10.25 -1.51
CA GLY B 200 5.67 9.22 -0.60
C GLY B 200 7.04 9.54 -0.04
N LYS B 201 7.39 8.85 1.03
CA LYS B 201 8.70 9.04 1.67
C LYS B 201 9.81 8.49 0.77
N ALA B 202 10.98 9.14 0.81
CA ALA B 202 12.09 8.69 0.00
C ALA B 202 12.55 7.32 0.47
N VAL B 203 13.08 6.50 -0.45
CA VAL B 203 13.55 5.17 -0.08
C VAL B 203 15.07 5.08 -0.27
N THR B 204 15.68 6.21 -0.66
CA THR B 204 17.11 6.27 -0.85
C THR B 204 17.57 7.64 -0.38
N PRO B 205 18.84 7.75 0.03
CA PRO B 205 19.28 9.06 0.48
C PRO B 205 19.59 9.87 -0.79
N PRO B 206 19.68 11.21 -0.66
CA PRO B 206 19.98 12.00 -1.85
C PRO B 206 21.43 11.70 -2.24
N MET B 207 21.75 11.78 -3.53
CA MET B 207 23.12 11.49 -3.97
C MET B 207 23.64 10.20 -3.33
N PRO B 208 22.93 9.09 -3.55
CA PRO B 208 23.32 7.81 -2.96
C PRO B 208 24.67 7.24 -3.36
N LEU B 209 25.19 7.60 -4.53
CA LEU B 209 26.49 7.06 -4.95
C LEU B 209 27.65 7.97 -4.53
N LEU B 210 27.37 9.02 -3.77
CA LEU B 210 28.41 9.94 -3.32
C LEU B 210 29.04 9.45 -2.02
CL CL D . 4.40 -0.95 25.26
#